data_3QPC
#
_entry.id   3QPC
#
_cell.length_a   36.800
_cell.length_b   64.385
_cell.length_c   70.546
_cell.angle_alpha   90.00
_cell.angle_beta   90.00
_cell.angle_gamma   90.00
#
_symmetry.space_group_name_H-M   'P 21 21 21'
#
loop_
_entity.id
_entity.type
_entity.pdbx_description
1 polymer Cutinase
2 water water
#
_entity_poly.entity_id   1
_entity_poly.type   'polypeptide(L)'
_entity_poly.pdbx_seq_one_letter_code
;GRTTRDDLINGNSASCADVIFIYARGSTETGNLGTLGPSIASNLESAFGKDGVWIQGVGGAYRATLGDNALPRGTSSAAI
REMLGLFQQANTKCPDATLIAGGY(MIR)QGAALAAASIEDLDSAIRDKIAGTVLFGYTKNLQNRGRIPNYPADRTKVFC
NTGDLVCTGSLIVAAPHLAYGPDARGPAPEFLIEKVRAVRG
;
_entity_poly.pdbx_strand_id   A
#
# COMPACT_ATOMS: atom_id res chain seq x y z
N GLY A 1 13.62 -0.10 7.85
CA GLY A 1 14.44 -1.30 7.94
C GLY A 1 13.60 -2.55 8.02
N ARG A 2 12.76 -2.66 9.04
CA ARG A 2 12.08 -3.91 9.33
C ARG A 2 11.17 -4.35 8.18
N THR A 3 11.29 -5.60 7.75
CA THR A 3 10.54 -6.09 6.61
C THR A 3 9.18 -6.69 6.99
N THR A 4 8.89 -6.81 8.28
CA THR A 4 7.55 -7.15 8.75
C THR A 4 7.07 -6.08 9.71
N ARG A 5 5.91 -5.50 9.39
CA ARG A 5 5.25 -4.52 10.24
C ARG A 5 3.76 -4.87 10.32
N ASP A 6 3.26 -4.90 11.54
CA ASP A 6 1.85 -5.18 11.82
C ASP A 6 1.27 -4.17 12.80
N ASP A 7 1.55 -2.88 12.54
CA ASP A 7 1.23 -1.88 13.53
C ASP A 7 -0.29 -1.77 13.74
N LEU A 8 -1.08 -1.98 12.68
CA LEU A 8 -2.54 -1.92 12.80
C LEU A 8 -3.09 -3.13 13.55
N ILE A 9 -2.72 -4.34 13.13
N ILE A 9 -2.63 -4.33 13.19
CA ILE A 9 -3.27 -5.52 13.79
CA ILE A 9 -3.07 -5.54 13.88
C ILE A 9 -2.98 -5.44 15.28
C ILE A 9 -2.66 -5.49 15.34
N ASN A 10 -1.91 -4.73 15.63
N ASN A 10 -1.39 -5.14 15.60
CA ASN A 10 -1.53 -4.56 17.02
CA ASN A 10 -0.84 -5.19 16.96
C ASN A 10 -1.83 -3.17 17.54
C ASN A 10 -1.30 -4.02 17.81
N GLY A 11 -2.76 -2.46 16.90
N GLY A 11 -1.54 -2.89 17.18
CA GLY A 11 -3.03 -1.08 17.19
CA GLY A 11 -1.66 -1.63 17.89
C GLY A 11 -4.01 -0.86 18.33
C GLY A 11 -2.84 -1.56 18.82
N ASN A 12 -3.74 0.15 19.13
N ASN A 12 -2.61 -0.94 19.94
CA ASN A 12 -4.63 0.51 20.22
CA ASN A 12 -3.61 -0.78 20.99
C ASN A 12 -5.76 1.42 19.76
C ASN A 12 -4.74 0.11 20.47
N SER A 13 -6.97 0.86 19.68
N SER A 13 -5.96 -0.42 20.52
CA SER A 13 -8.14 1.64 19.21
CA SER A 13 -7.11 0.24 19.93
C SER A 13 -8.53 2.82 20.12
C SER A 13 -7.35 1.68 20.46
N ALA A 14 -8.02 2.81 21.35
N ALA A 14 -7.14 1.87 21.75
CA ALA A 14 -8.25 3.93 22.27
CA ALA A 14 -7.38 3.16 22.37
C ALA A 14 -7.19 5.02 22.15
C ALA A 14 -6.24 4.13 22.08
N SER A 15 -6.17 4.78 21.30
N SER A 15 -5.21 3.68 21.35
CA SER A 15 -5.15 5.78 21.00
CA SER A 15 -4.01 4.48 20.98
C SER A 15 -4.65 5.57 19.56
C SER A 15 -3.88 4.61 19.48
N CYS A 16 -5.57 5.51 18.62
N CYS A 16 -4.95 4.54 18.70
CA CYS A 16 -5.24 5.24 17.22
CA CYS A 16 -4.81 4.61 17.26
C CYS A 16 -4.12 6.15 16.70
C CYS A 16 -4.03 5.85 16.84
N ALA A 17 -3.16 5.67 15.87
CA ALA A 17 -2.42 6.69 15.14
C ALA A 17 -3.42 7.46 14.25
N ASP A 18 -3.03 8.69 13.91
CA ASP A 18 -3.84 9.52 13.03
C ASP A 18 -3.74 9.09 11.54
N VAL A 19 -2.70 8.35 11.19
CA VAL A 19 -2.44 7.92 9.83
C VAL A 19 -2.11 6.42 9.86
N ILE A 20 -2.69 5.66 8.95
CA ILE A 20 -2.41 4.22 8.83
C ILE A 20 -2.06 3.93 7.37
N PHE A 21 -0.90 3.34 7.18
CA PHE A 21 -0.36 3.00 5.86
C PHE A 21 -0.39 1.50 5.66
N ILE A 22 -1.06 1.06 4.61
CA ILE A 22 -1.23 -0.35 4.28
C ILE A 22 -0.52 -0.60 2.94
N TYR A 23 0.44 -1.52 2.97
CA TYR A 23 1.36 -1.71 1.85
C TYR A 23 1.51 -3.16 1.46
N ALA A 24 1.43 -3.42 0.15
CA ALA A 24 1.57 -4.76 -0.42
C ALA A 24 2.87 -4.91 -1.20
N ARG A 25 3.67 -5.90 -0.80
CA ARG A 25 4.97 -6.18 -1.37
C ARG A 25 4.86 -6.86 -2.76
N GLY A 26 6.02 -6.94 -3.43
CA GLY A 26 6.11 -7.63 -4.70
C GLY A 26 6.23 -9.14 -4.57
N SER A 27 6.05 -9.80 -5.70
CA SER A 27 6.22 -11.27 -5.75
C SER A 27 7.55 -11.67 -5.22
N THR A 28 7.49 -12.72 -4.39
CA THR A 28 8.70 -13.35 -3.88
CA THR A 28 8.62 -13.39 -3.77
C THR A 28 9.39 -12.54 -2.78
N GLU A 29 8.85 -11.39 -2.41
CA GLU A 29 9.56 -10.54 -1.45
C GLU A 29 9.36 -10.99 -0.02
N THR A 30 10.30 -10.58 0.81
CA THR A 30 10.36 -11.03 2.19
CA THR A 30 10.35 -11.03 2.19
C THR A 30 9.40 -10.26 3.11
N GLY A 31 9.02 -10.91 4.18
CA GLY A 31 8.19 -10.32 5.19
C GLY A 31 6.83 -9.94 4.63
N ASN A 32 6.29 -8.85 5.16
CA ASN A 32 5.10 -8.24 4.55
C ASN A 32 5.35 -6.87 3.94
N LEU A 33 6.61 -6.39 3.93
CA LEU A 33 6.95 -5.10 3.32
C LEU A 33 7.94 -5.20 2.16
N GLY A 34 8.70 -6.28 2.04
CA GLY A 34 9.68 -6.43 0.98
C GLY A 34 10.73 -5.34 0.90
N THR A 35 11.13 -4.99 -0.33
CA THR A 35 12.25 -4.11 -0.58
C THR A 35 11.93 -2.63 -0.45
N LEU A 36 10.73 -2.22 -0.80
CA LEU A 36 10.40 -0.79 -0.87
C LEU A 36 9.65 -0.33 0.35
N GLY A 37 8.83 -1.21 0.91
CA GLY A 37 7.98 -0.83 2.01
C GLY A 37 8.69 -0.23 3.20
N PRO A 38 9.83 -0.81 3.61
CA PRO A 38 10.49 -0.25 4.80
C PRO A 38 11.04 1.14 4.56
N SER A 39 11.46 1.43 3.34
CA SER A 39 11.95 2.77 3.01
CA SER A 39 11.96 2.76 3.02
C SER A 39 10.82 3.77 3.04
N ILE A 40 9.67 3.43 2.49
CA ILE A 40 8.54 4.33 2.58
C ILE A 40 8.21 4.55 4.06
N ALA A 41 8.17 3.47 4.83
CA ALA A 41 7.79 3.54 6.24
C ALA A 41 8.70 4.45 7.03
N SER A 42 10.00 4.30 6.86
CA SER A 42 10.91 5.10 7.71
C SER A 42 10.74 6.58 7.38
N ASN A 43 10.49 6.90 6.11
CA ASN A 43 10.25 8.27 5.73
C ASN A 43 8.91 8.81 6.26
N LEU A 44 7.85 7.99 6.25
CA LEU A 44 6.62 8.39 6.87
C LEU A 44 6.83 8.64 8.37
N GLU A 45 7.60 7.78 9.04
CA GLU A 45 7.86 7.97 10.47
C GLU A 45 8.65 9.25 10.74
N SER A 46 9.58 9.59 9.85
N SER A 46 9.60 9.57 9.88
CA SER A 46 10.31 10.87 9.99
CA SER A 46 10.30 10.83 10.05
C SER A 46 9.38 12.06 9.96
C SER A 46 9.30 11.98 10.06
N ALA A 47 8.37 11.98 9.11
CA ALA A 47 7.43 13.08 8.93
C ALA A 47 6.35 13.16 10.00
N PHE A 48 5.78 12.03 10.37
CA PHE A 48 4.65 11.99 11.28
C PHE A 48 5.03 11.72 12.74
N GLY A 49 6.25 11.27 12.95
CA GLY A 49 6.68 10.72 14.23
C GLY A 49 6.28 9.24 14.29
N LYS A 50 7.06 8.46 15.04
CA LYS A 50 6.80 7.03 15.18
C LYS A 50 5.37 6.76 15.66
N ASP A 51 4.87 7.57 16.60
CA ASP A 51 3.51 7.36 17.10
C ASP A 51 2.42 8.04 16.27
N GLY A 52 2.81 8.73 15.22
CA GLY A 52 1.86 9.43 14.37
C GLY A 52 1.41 8.62 13.17
N VAL A 53 2.03 7.47 12.92
CA VAL A 53 1.67 6.65 11.77
C VAL A 53 1.85 5.19 12.15
N TRP A 54 0.89 4.38 11.74
N TRP A 54 0.87 4.38 11.76
CA TRP A 54 0.96 2.92 11.85
CA TRP A 54 0.94 2.93 11.86
C TRP A 54 1.27 2.33 10.48
C TRP A 54 1.32 2.39 10.48
N ILE A 55 2.28 1.48 10.45
CA ILE A 55 2.75 0.80 9.25
C ILE A 55 2.24 -0.64 9.29
N GLN A 56 1.50 -1.03 8.25
CA GLN A 56 0.87 -2.35 8.18
C GLN A 56 1.12 -2.96 6.82
N GLY A 57 1.96 -3.98 6.77
CA GLY A 57 2.13 -4.74 5.55
C GLY A 57 0.98 -5.69 5.31
N VAL A 58 0.81 -6.08 4.06
CA VAL A 58 -0.23 -7.06 3.73
C VAL A 58 0.39 -8.44 3.82
N GLY A 59 0.16 -9.12 4.94
CA GLY A 59 0.69 -10.45 5.21
C GLY A 59 -0.40 -11.47 5.09
N GLY A 60 -0.55 -12.32 6.10
CA GLY A 60 -1.63 -13.27 6.11
C GLY A 60 -1.70 -14.11 4.85
N ALA A 61 -2.84 -14.11 4.19
CA ALA A 61 -3.05 -14.93 2.99
C ALA A 61 -2.41 -14.35 1.74
N TYR A 62 -1.80 -13.17 1.80
CA TYR A 62 -1.09 -12.68 0.61
C TYR A 62 0.30 -13.30 0.56
N ARG A 63 0.44 -14.31 -0.30
CA ARG A 63 1.66 -15.07 -0.43
C ARG A 63 2.65 -14.53 -1.47
N ALA A 64 2.23 -13.53 -2.22
CA ALA A 64 3.08 -12.89 -3.20
C ALA A 64 3.71 -13.93 -4.14
N THR A 65 2.84 -14.80 -4.66
CA THR A 65 3.23 -15.90 -5.55
C THR A 65 3.48 -15.40 -6.96
N LEU A 66 4.64 -15.71 -7.54
CA LEU A 66 4.95 -15.17 -8.88
C LEU A 66 3.88 -15.55 -9.90
N GLY A 67 3.40 -16.79 -9.87
CA GLY A 67 2.44 -17.21 -10.88
C GLY A 67 1.11 -16.49 -10.77
N ASP A 68 0.79 -15.92 -9.62
CA ASP A 68 -0.48 -15.22 -9.47
C ASP A 68 -0.52 -13.92 -10.28
N ASN A 69 0.62 -13.43 -10.77
CA ASN A 69 0.58 -12.30 -11.68
C ASN A 69 -0.24 -12.61 -12.94
N ALA A 70 -0.37 -13.90 -13.26
CA ALA A 70 -1.05 -14.33 -14.48
C ALA A 70 -2.57 -14.44 -14.30
N LEU A 71 -3.06 -14.22 -13.10
CA LEU A 71 -4.48 -14.26 -12.81
C LEU A 71 -5.11 -12.94 -13.35
N PRO A 72 -6.45 -12.91 -13.51
CA PRO A 72 -7.08 -11.79 -14.28
C PRO A 72 -6.76 -10.39 -13.76
N ARG A 73 -6.75 -10.19 -12.45
CA ARG A 73 -6.47 -8.88 -11.89
C ARG A 73 -5.03 -8.81 -11.36
N GLY A 74 -4.20 -9.78 -11.74
CA GLY A 74 -2.80 -9.75 -11.42
C GLY A 74 -2.46 -10.21 -10.01
N THR A 75 -3.42 -10.81 -9.31
CA THR A 75 -3.18 -11.39 -7.98
C THR A 75 -4.34 -12.34 -7.72
N SER A 76 -4.32 -13.00 -6.56
CA SER A 76 -5.37 -13.96 -6.23
C SER A 76 -6.55 -13.35 -5.47
N SER A 77 -7.69 -14.05 -5.53
CA SER A 77 -8.83 -13.69 -4.73
C SER A 77 -8.51 -13.70 -3.25
N ALA A 78 -7.73 -14.68 -2.80
CA ALA A 78 -7.39 -14.75 -1.37
C ALA A 78 -6.58 -13.52 -0.96
N ALA A 79 -5.66 -13.08 -1.80
CA ALA A 79 -4.86 -11.88 -1.49
C ALA A 79 -5.77 -10.66 -1.40
N ILE A 80 -6.68 -10.51 -2.36
CA ILE A 80 -7.62 -9.37 -2.35
C ILE A 80 -8.44 -9.37 -1.06
N ARG A 81 -8.91 -10.53 -0.63
CA ARG A 81 -9.65 -10.61 0.62
C ARG A 81 -8.79 -10.13 1.78
N GLU A 82 -7.52 -10.51 1.80
CA GLU A 82 -6.62 -10.10 2.87
C GLU A 82 -6.49 -8.57 2.92
N MET A 83 -6.18 -7.96 1.77
CA MET A 83 -5.97 -6.52 1.78
C MET A 83 -7.26 -5.74 2.04
N LEU A 84 -8.37 -6.20 1.45
CA LEU A 84 -9.68 -5.63 1.80
C LEU A 84 -9.89 -5.70 3.30
N GLY A 85 -9.59 -6.83 3.91
CA GLY A 85 -9.78 -7.02 5.32
C GLY A 85 -8.94 -6.07 6.14
N LEU A 86 -7.76 -5.70 5.68
CA LEU A 86 -6.92 -4.75 6.43
C LEU A 86 -7.48 -3.35 6.29
N PHE A 87 -7.96 -2.93 5.13
CA PHE A 87 -8.61 -1.63 5.04
C PHE A 87 -9.81 -1.57 5.97
N GLN A 88 -10.58 -2.65 5.98
CA GLN A 88 -11.76 -2.73 6.83
C GLN A 88 -11.37 -2.68 8.32
N GLN A 89 -10.35 -3.44 8.72
N GLN A 89 -10.35 -3.45 8.68
CA GLN A 89 -9.89 -3.40 10.10
CA GLN A 89 -9.87 -3.42 10.03
C GLN A 89 -9.34 -2.02 10.50
C GLN A 89 -9.46 -2.01 10.43
N ALA A 90 -8.71 -1.33 9.56
CA ALA A 90 -8.20 0.00 9.85
C ALA A 90 -9.36 0.92 10.13
N ASN A 91 -10.38 0.87 9.29
CA ASN A 91 -11.46 1.78 9.46
C ASN A 91 -12.33 1.42 10.68
N THR A 92 -12.44 0.13 11.01
CA THR A 92 -13.18 -0.28 12.17
C THR A 92 -12.47 0.03 13.50
N LYS A 93 -11.20 -0.31 13.57
CA LYS A 93 -10.43 -0.12 14.78
C LYS A 93 -10.16 1.37 15.01
N CYS A 94 -9.92 2.10 13.91
N CYS A 94 -9.93 2.11 13.92
CA CYS A 94 -9.61 3.54 13.92
CA CYS A 94 -9.42 3.48 14.02
C CYS A 94 -10.38 4.34 12.95
C CYS A 94 -10.25 4.43 13.08
N PRO A 95 -11.57 4.64 13.36
CA PRO A 95 -12.46 5.37 12.47
C PRO A 95 -12.06 6.79 12.15
N ASP A 96 -11.21 7.40 12.96
CA ASP A 96 -10.81 8.77 12.70
C ASP A 96 -9.47 8.88 11.95
N ALA A 97 -8.85 7.74 11.66
CA ALA A 97 -7.53 7.75 10.99
C ALA A 97 -7.71 8.02 9.50
N THR A 98 -6.75 8.73 8.94
CA THR A 98 -6.61 8.82 7.49
C THR A 98 -5.75 7.65 7.00
N LEU A 99 -6.22 7.01 5.94
CA LEU A 99 -5.51 5.87 5.38
C LEU A 99 -4.65 6.32 4.19
N ILE A 100 -3.56 5.62 3.99
CA ILE A 100 -2.72 5.76 2.80
C ILE A 100 -2.31 4.33 2.42
N ALA A 101 -1.98 4.13 1.15
CA ALA A 101 -1.72 2.77 0.67
C ALA A 101 -0.63 2.75 -0.35
N GLY A 102 -0.09 1.57 -0.58
CA GLY A 102 0.91 1.42 -1.63
C GLY A 102 1.10 -0.03 -2.01
N GLY A 103 1.77 -0.22 -3.14
CA GLY A 103 2.16 -1.57 -3.52
C GLY A 103 3.18 -1.53 -4.65
N TYR A 104 3.95 -2.62 -4.72
CA TYR A 104 4.98 -2.83 -5.74
C TYR A 104 4.68 -4.08 -6.56
N MIR A 105 4.65 -3.96 -7.88
CA MIR A 105 4.56 -5.11 -8.76
CB MIR A 105 5.81 -5.93 -8.66
OG MIR A 105 5.84 -6.88 -9.72
P MIR A 105 6.31 -8.36 -9.40
O1P MIR A 105 7.79 -8.35 -9.15
O2P MIR A 105 5.47 -8.90 -8.32
O3P MIR A 105 5.98 -9.14 -10.70
C1 MIR A 105 6.67 -9.00 -11.88
C2 MIR A 105 6.05 -9.84 -12.95
C MIR A 105 3.25 -5.83 -8.52
O MIR A 105 2.19 -5.18 -8.62
H2 MIR A 105 6.10 -10.77 -12.69
HN MIR A 105 3.84 -3.54 -7.84
HA MIR A 105 4.51 -4.76 -9.68
HB MIR A 105 6.58 -5.35 -8.72
HBA MIR A 105 5.82 -6.41 -7.82
H1 MIR A 105 6.65 -8.06 -12.15
H1A MIR A 105 7.59 -9.26 -11.75
H2A MIR A 105 5.13 -9.58 -13.06
H2B MIR A 105 6.54 -9.70 -13.78
N GLN A 106 3.22 -7.11 -8.16
CA GLN A 106 1.96 -7.77 -7.80
C GLN A 106 1.23 -6.99 -6.70
N GLY A 107 1.99 -6.43 -5.77
CA GLY A 107 1.38 -5.67 -4.71
C GLY A 107 0.68 -4.42 -5.20
N ALA A 108 1.15 -3.84 -6.31
CA ALA A 108 0.45 -2.71 -6.94
C ALA A 108 -0.86 -3.20 -7.55
N ALA A 109 -0.85 -4.34 -8.24
CA ALA A 109 -2.09 -4.94 -8.73
C ALA A 109 -3.05 -5.23 -7.57
N LEU A 110 -2.52 -5.74 -6.47
CA LEU A 110 -3.34 -6.06 -5.29
C LEU A 110 -3.95 -4.82 -4.68
N ALA A 111 -3.15 -3.76 -4.52
CA ALA A 111 -3.68 -2.50 -4.02
C ALA A 111 -4.81 -1.98 -4.93
N ALA A 112 -4.59 -2.05 -6.25
CA ALA A 112 -5.60 -1.54 -7.16
C ALA A 112 -6.89 -2.35 -7.09
N ALA A 113 -6.79 -3.68 -7.03
CA ALA A 113 -7.97 -4.52 -7.02
C ALA A 113 -8.74 -4.35 -5.71
N SER A 114 -8.00 -4.30 -4.61
CA SER A 114 -8.63 -4.15 -3.28
CA SER A 114 -8.68 -4.18 -3.32
C SER A 114 -9.33 -2.80 -3.18
N ILE A 115 -8.65 -1.73 -3.62
CA ILE A 115 -9.26 -0.42 -3.59
C ILE A 115 -10.50 -0.36 -4.48
N GLU A 116 -10.42 -0.98 -5.66
CA GLU A 116 -11.59 -1.04 -6.55
C GLU A 116 -12.80 -1.65 -5.82
N ASP A 117 -12.56 -2.73 -5.08
CA ASP A 117 -13.66 -3.48 -4.49
C ASP A 117 -14.15 -2.94 -3.13
N LEU A 118 -13.36 -2.08 -2.51
CA LEU A 118 -13.66 -1.56 -1.19
C LEU A 118 -14.93 -0.71 -1.19
N ASP A 119 -15.68 -0.80 -0.07
CA ASP A 119 -16.78 0.12 0.23
C ASP A 119 -16.33 1.54 -0.05
N SER A 120 -17.11 2.29 -0.83
CA SER A 120 -16.77 3.68 -1.13
C SER A 120 -16.59 4.53 0.12
N ALA A 121 -17.34 4.26 1.20
CA ALA A 121 -17.17 5.06 2.40
C ALA A 121 -15.80 4.89 3.04
N ILE A 122 -15.23 3.72 2.91
CA ILE A 122 -13.90 3.43 3.40
C ILE A 122 -12.85 3.91 2.38
N ARG A 123 -13.12 3.69 1.09
CA ARG A 123 -12.21 4.15 0.05
C ARG A 123 -11.96 5.65 0.13
N ASP A 124 -12.98 6.42 0.51
CA ASP A 124 -12.82 7.86 0.60
CA ASP A 124 -12.84 7.85 0.62
C ASP A 124 -11.83 8.26 1.67
N LYS A 125 -11.58 7.39 2.63
CA LYS A 125 -10.61 7.69 3.70
C LYS A 125 -9.17 7.43 3.26
N ILE A 126 -8.97 6.85 2.07
CA ILE A 126 -7.63 6.61 1.56
C ILE A 126 -7.19 7.86 0.82
N ALA A 127 -6.41 8.69 1.51
CA ALA A 127 -6.04 9.99 0.97
C ALA A 127 -5.12 9.92 -0.26
N GLY A 128 -4.28 8.89 -0.32
CA GLY A 128 -3.36 8.69 -1.42
C GLY A 128 -2.86 7.27 -1.47
N THR A 129 -2.51 6.86 -2.69
CA THR A 129 -1.98 5.54 -2.96
C THR A 129 -0.81 5.67 -3.94
N VAL A 130 0.30 5.01 -3.63
CA VAL A 130 1.46 4.95 -4.50
C VAL A 130 1.62 3.54 -5.06
N LEU A 131 1.87 3.46 -6.38
CA LEU A 131 2.06 2.19 -7.06
C LEU A 131 3.41 2.21 -7.75
N PHE A 132 4.22 1.17 -7.56
CA PHE A 132 5.53 1.07 -8.21
C PHE A 132 5.50 -0.14 -9.13
N GLY A 133 5.98 0.00 -10.36
CA GLY A 133 6.06 -1.17 -11.20
C GLY A 133 4.70 -1.84 -11.36
N TYR A 134 3.70 -1.00 -11.66
CA TYR A 134 2.27 -1.39 -11.66
C TYR A 134 1.99 -2.34 -12.82
N THR A 135 1.76 -3.62 -12.52
CA THR A 135 1.64 -4.66 -13.52
C THR A 135 0.38 -4.53 -14.37
N LYS A 136 -0.60 -3.76 -13.90
CA LYS A 136 -1.81 -3.49 -14.67
C LYS A 136 -1.88 -2.04 -15.13
N ASN A 137 -0.71 -1.39 -15.23
CA ASN A 137 -0.65 -0.01 -15.68
C ASN A 137 -1.26 0.19 -17.07
N LEU A 138 -0.82 -0.59 -18.06
CA LEU A 138 -1.36 -0.40 -19.40
C LEU A 138 -2.84 -0.76 -19.44
N GLN A 139 -3.16 -1.90 -18.85
CA GLN A 139 -4.50 -2.47 -18.93
C GLN A 139 -5.55 -1.57 -18.26
N ASN A 140 -5.13 -0.93 -17.17
CA ASN A 140 -5.98 -0.05 -16.40
C ASN A 140 -5.74 1.43 -16.70
N ARG A 141 -4.98 1.69 -17.76
CA ARG A 141 -4.77 3.07 -18.22
C ARG A 141 -4.21 3.97 -17.16
N GLY A 142 -3.34 3.40 -16.33
CA GLY A 142 -2.64 4.20 -15.34
C GLY A 142 -3.47 4.54 -14.11
N ARG A 143 -4.65 3.95 -13.97
CA ARG A 143 -5.59 4.28 -12.92
C ARG A 143 -5.81 3.09 -12.00
N ILE A 144 -6.37 3.40 -10.83
CA ILE A 144 -7.01 2.41 -9.95
C ILE A 144 -8.50 2.60 -10.17
N PRO A 145 -9.21 1.55 -10.58
CA PRO A 145 -10.66 1.68 -10.76
C PRO A 145 -11.35 2.20 -9.49
N ASN A 146 -12.34 3.05 -9.72
CA ASN A 146 -13.17 3.66 -8.65
C ASN A 146 -12.43 4.63 -7.75
N TYR A 147 -11.23 5.08 -8.16
CA TYR A 147 -10.40 5.90 -7.31
C TYR A 147 -9.84 7.06 -8.14
N PRO A 148 -9.82 8.27 -7.57
CA PRO A 148 -9.45 9.43 -8.41
C PRO A 148 -7.96 9.48 -8.76
N ALA A 149 -7.70 10.03 -9.94
CA ALA A 149 -6.32 10.21 -10.41
C ALA A 149 -5.51 11.07 -9.45
N ASP A 150 -6.13 12.09 -8.84
CA ASP A 150 -5.36 13.01 -8.02
C ASP A 150 -4.92 12.40 -6.70
N ARG A 151 -5.47 11.24 -6.34
CA ARG A 151 -5.02 10.49 -5.16
C ARG A 151 -4.08 9.36 -5.51
N THR A 152 -3.80 9.17 -6.79
CA THR A 152 -2.99 8.07 -7.28
C THR A 152 -1.65 8.61 -7.72
N LYS A 153 -0.55 7.93 -7.39
CA LYS A 153 0.74 8.29 -7.99
C LYS A 153 1.38 6.98 -8.43
N VAL A 154 1.57 6.85 -9.73
CA VAL A 154 2.17 5.69 -10.35
C VAL A 154 3.61 6.00 -10.71
N PHE A 155 4.49 5.11 -10.28
CA PHE A 155 5.92 5.12 -10.60
C PHE A 155 6.16 3.91 -11.52
N CYS A 156 6.30 4.19 -12.82
CA CYS A 156 6.55 3.18 -13.85
C CYS A 156 7.73 3.67 -14.64
N ASN A 157 8.88 3.01 -14.45
CA ASN A 157 10.12 3.40 -15.10
C ASN A 157 10.11 3.02 -16.57
N THR A 158 10.78 3.85 -17.36
CA THR A 158 11.02 3.50 -18.76
C THR A 158 11.77 2.18 -18.83
N GLY A 159 11.30 1.25 -19.65
CA GLY A 159 11.92 -0.06 -19.74
C GLY A 159 11.46 -1.06 -18.69
N ASP A 160 10.55 -0.65 -17.82
CA ASP A 160 9.92 -1.63 -16.92
C ASP A 160 8.76 -2.27 -17.69
N LEU A 161 8.99 -3.46 -18.24
CA LEU A 161 8.09 -4.09 -19.17
C LEU A 161 6.76 -4.44 -18.54
N VAL A 162 6.68 -4.51 -17.22
CA VAL A 162 5.38 -4.85 -16.61
C VAL A 162 4.40 -3.70 -16.71
N CYS A 163 4.89 -2.49 -16.94
CA CYS A 163 4.06 -1.31 -17.06
C CYS A 163 3.48 -1.12 -18.45
N THR A 164 3.95 -1.92 -19.41
CA THR A 164 3.51 -1.80 -20.79
C THR A 164 2.92 -3.13 -21.26
N GLY A 165 2.30 -3.88 -20.34
CA GLY A 165 1.43 -4.96 -20.72
C GLY A 165 2.02 -6.35 -20.65
N SER A 166 3.27 -6.51 -20.23
CA SER A 166 3.85 -7.84 -20.10
C SER A 166 4.18 -8.19 -18.66
N LEU A 167 4.73 -9.38 -18.45
CA LEU A 167 5.17 -9.80 -17.12
C LEU A 167 6.66 -10.06 -17.07
N ILE A 168 7.40 -9.57 -18.06
CA ILE A 168 8.84 -9.74 -18.06
C ILE A 168 9.49 -8.77 -17.09
N VAL A 169 10.37 -9.27 -16.24
CA VAL A 169 11.16 -8.43 -15.34
C VAL A 169 12.48 -8.02 -15.99
N ALA A 170 12.70 -6.70 -16.02
CA ALA A 170 13.92 -6.10 -16.49
C ALA A 170 14.46 -5.14 -15.43
N ALA A 171 15.70 -4.67 -15.62
CA ALA A 171 16.40 -3.89 -14.60
C ALA A 171 15.62 -2.70 -14.10
N PRO A 172 14.90 -1.95 -14.97
CA PRO A 172 14.15 -0.80 -14.42
C PRO A 172 13.09 -1.18 -13.40
N HIS A 173 12.63 -2.43 -13.42
CA HIS A 173 11.64 -2.88 -12.44
C HIS A 173 12.25 -2.97 -11.04
N LEU A 174 13.58 -3.04 -10.97
CA LEU A 174 14.30 -3.16 -9.72
C LEU A 174 14.88 -1.84 -9.23
N ALA A 175 14.45 -0.75 -9.87
CA ALA A 175 15.04 0.57 -9.66
C ALA A 175 14.05 1.58 -9.07
N TYR A 176 13.18 1.11 -8.18
CA TYR A 176 12.22 2.02 -7.53
C TYR A 176 12.68 2.54 -6.17
N GLY A 177 13.86 2.11 -5.70
CA GLY A 177 14.35 2.57 -4.41
C GLY A 177 14.33 4.08 -4.25
N PRO A 178 14.85 4.82 -5.23
CA PRO A 178 14.85 6.30 -5.08
C PRO A 178 13.43 6.88 -4.92
N ASP A 179 12.47 6.34 -5.66
CA ASP A 179 11.10 6.81 -5.55
C ASP A 179 10.55 6.50 -4.16
N ALA A 180 10.85 5.31 -3.64
CA ALA A 180 10.32 4.86 -2.35
C ALA A 180 10.90 5.67 -1.18
N ARG A 181 12.10 6.21 -1.34
CA ARG A 181 12.71 7.02 -0.30
C ARG A 181 12.31 8.50 -0.39
N GLY A 182 11.80 8.99 -1.51
CA GLY A 182 11.60 10.41 -1.74
C GLY A 182 10.22 10.77 -2.22
N PRO A 183 10.03 10.78 -3.54
CA PRO A 183 8.74 11.27 -4.07
C PRO A 183 7.52 10.49 -3.61
N ALA A 184 7.63 9.18 -3.36
CA ALA A 184 6.45 8.42 -2.93
C ALA A 184 5.97 8.82 -1.53
N PRO A 185 6.81 8.76 -0.48
CA PRO A 185 6.33 9.18 0.83
C PRO A 185 5.95 10.65 0.80
N GLU A 186 6.68 11.49 0.07
CA GLU A 186 6.31 12.89 0.00
C GLU A 186 4.88 13.10 -0.51
N PHE A 187 4.52 12.37 -1.58
CA PHE A 187 3.19 12.45 -2.14
C PHE A 187 2.14 12.06 -1.06
N LEU A 188 2.40 10.94 -0.38
CA LEU A 188 1.46 10.45 0.61
C LEU A 188 1.27 11.48 1.73
N ILE A 189 2.36 12.07 2.19
CA ILE A 189 2.27 13.08 3.25
C ILE A 189 1.49 14.30 2.79
N GLU A 190 1.75 14.77 1.56
CA GLU A 190 0.98 15.88 1.04
C GLU A 190 -0.50 15.57 1.00
N LYS A 191 -0.85 14.35 0.58
CA LYS A 191 -2.27 13.98 0.49
C LYS A 191 -2.91 13.92 1.87
N VAL A 192 -2.21 13.37 2.85
CA VAL A 192 -2.74 13.32 4.21
C VAL A 192 -2.95 14.74 4.74
N ARG A 193 -1.98 15.61 4.53
CA ARG A 193 -2.07 16.93 5.12
C ARG A 193 -3.21 17.73 4.47
N ALA A 194 -3.45 17.50 3.19
CA ALA A 194 -4.50 18.21 2.50
C ALA A 194 -5.87 17.89 3.12
N VAL A 195 -6.00 16.75 3.78
CA VAL A 195 -7.28 16.41 4.40
C VAL A 195 -7.32 16.67 5.91
N ARG A 196 -6.24 16.38 6.61
CA ARG A 196 -6.20 16.56 8.05
C ARG A 196 -5.85 17.97 8.51
N GLY A 197 -5.24 18.74 7.60
CA GLY A 197 -4.74 20.07 7.94
C GLY A 197 -3.26 20.04 8.25
#